data_5O9E
#
_entry.id   5O9E
#
_cell.length_a   112.890
_cell.length_b   112.890
_cell.length_c   44.000
_cell.angle_alpha   90.000
_cell.angle_beta   90.000
_cell.angle_gamma   120.000
#
_symmetry.space_group_name_H-M   'P 64'
#
loop_
_entity.id
_entity.type
_entity.pdbx_description
1 polymer 'Putative U3 small nucleolar ribonucleoprotein'
2 polymer 'Putative U3 small nucleolar ribonucleoprotein protein'
3 non-polymer 1,2-ETHANEDIOL
4 water water
#
loop_
_entity_poly.entity_id
_entity_poly.type
_entity_poly.pdbx_seq_one_letter_code
_entity_poly.pdbx_strand_id
1 'polypeptide(L)'
;MDEYSELSGIVDPRVLVTTSRDPSSRLMAFSKEIRLMFPTAIRLNRGNLILPDLVMSAQRERLSDIILLHEHRGTPTAIT
ISHFPHGPTLMASLHNVVLRADIPKSIKGTVSESYPHLIFEGFRTPLGQRVVKILKHLFPPRDPTNNAKSGNRVITFVNQ
DDCIEVRHHVYVRTNYNSVELSEVGPRFTMRPFSITMGTLE
;
A
2 'polypeptide(L)'
;MDADVERAEQDVRRDLFDDLSEHEDSEDALSDASAGDPKSRKSAHERRQAKIAEQIRKLEAELVAKRAWTLAGEATAADR
PVNSLLGEDMEFDHVGKPVPVVTEEVSESIEELIKRRILAGEFDEVLRRRP
;
B
#
# COMPACT_ATOMS: atom_id res chain seq x y z
N MET A 1 12.84 18.14 1.11
CA MET A 1 13.17 16.93 0.37
C MET A 1 12.73 15.69 1.15
N ASP A 2 12.40 14.61 0.44
CA ASP A 2 12.14 13.32 1.07
C ASP A 2 12.67 12.21 0.16
N GLU A 3 12.31 10.96 0.49
CA GLU A 3 12.86 9.82 -0.23
C GLU A 3 12.34 9.72 -1.65
N TYR A 4 11.26 10.43 -1.97
CA TYR A 4 10.60 10.32 -3.26
C TYR A 4 10.83 11.53 -4.17
N SER A 5 11.23 12.67 -3.63
CA SER A 5 11.10 13.91 -4.40
C SER A 5 12.07 13.97 -5.58
N GLU A 6 13.25 13.34 -5.47
CA GLU A 6 14.22 13.44 -6.55
C GLU A 6 13.68 12.82 -7.84
N LEU A 7 13.10 11.61 -7.75
CA LEU A 7 12.73 10.86 -8.94
C LEU A 7 11.23 10.86 -9.22
N SER A 8 10.43 11.46 -8.34
CA SER A 8 8.98 11.46 -8.50
C SER A 8 8.58 12.12 -9.80
N GLY A 9 7.90 11.38 -10.67
CA GLY A 9 7.46 11.93 -11.95
C GLY A 9 8.47 11.80 -13.07
N ILE A 10 9.69 11.37 -12.78
CA ILE A 10 10.75 11.27 -13.78
C ILE A 10 11.00 9.84 -14.22
N VAL A 11 10.86 8.87 -13.33
CA VAL A 11 11.12 7.47 -13.62
C VAL A 11 9.88 6.67 -13.26
N ASP A 12 9.70 5.57 -13.94
CA ASP A 12 8.72 4.59 -13.51
C ASP A 12 9.29 3.78 -12.34
N PRO A 13 8.50 3.50 -11.32
CA PRO A 13 8.96 2.58 -10.28
C PRO A 13 9.16 1.18 -10.86
N ARG A 14 10.08 0.45 -10.25
CA ARG A 14 10.31 -0.96 -10.56
C ARG A 14 10.05 -1.78 -9.30
N VAL A 15 8.91 -2.46 -9.26
CA VAL A 15 8.40 -3.10 -8.05
C VAL A 15 8.60 -4.60 -8.10
N LEU A 16 8.96 -5.20 -6.97
CA LEU A 16 9.00 -6.65 -6.83
C LEU A 16 8.00 -7.10 -5.77
N VAL A 17 7.15 -8.07 -6.13
CA VAL A 17 6.19 -8.68 -5.20
C VAL A 17 6.69 -10.09 -4.87
N THR A 18 6.66 -10.44 -3.57
CA THR A 18 6.94 -11.82 -3.18
C THR A 18 6.17 -12.15 -1.89
N THR A 19 6.36 -13.38 -1.37
CA THR A 19 5.59 -13.89 -0.23
C THR A 19 6.56 -14.36 0.83
N SER A 20 6.03 -14.68 2.01
CA SER A 20 6.80 -15.48 2.94
C SER A 20 7.09 -16.86 2.34
N ARG A 21 7.98 -17.60 2.98
CA ARG A 21 8.33 -18.93 2.52
C ARG A 21 7.19 -19.92 2.75
N ASP A 22 7.16 -20.96 1.93
CA ASP A 22 6.11 -21.98 1.99
C ASP A 22 4.70 -21.37 1.94
N PRO A 23 4.37 -20.60 0.90
CA PRO A 23 3.06 -19.93 0.89
C PRO A 23 1.94 -20.92 0.65
N SER A 24 0.78 -20.65 1.28
CA SER A 24 -0.44 -21.38 0.97
C SER A 24 -0.93 -21.06 -0.45
N SER A 25 -1.81 -21.94 -0.96
CA SER A 25 -2.41 -21.66 -2.27
C SER A 25 -3.20 -20.36 -2.23
N ARG A 26 -3.83 -20.05 -1.11
CA ARG A 26 -4.55 -18.78 -1.00
C ARG A 26 -3.60 -17.59 -1.05
N LEU A 27 -2.46 -17.67 -0.34
CA LEU A 27 -1.51 -16.56 -0.39
C LEU A 27 -0.94 -16.38 -1.80
N MET A 28 -0.63 -17.48 -2.48
CA MET A 28 -0.15 -17.38 -3.87
C MET A 28 -1.20 -16.72 -4.77
N ALA A 29 -2.47 -17.09 -4.61
CA ALA A 29 -3.48 -16.48 -5.46
C ALA A 29 -3.60 -15.00 -5.16
N PHE A 30 -3.54 -14.64 -3.88
CA PHE A 30 -3.58 -13.23 -3.50
C PHE A 30 -2.39 -12.47 -4.10
N SER A 31 -1.20 -13.09 -4.09
CA SER A 31 0.00 -12.42 -4.58
C SER A 31 -0.08 -12.14 -6.09
N LYS A 32 -0.74 -13.01 -6.84
CA LYS A 32 -0.90 -12.73 -8.28
C LYS A 32 -1.87 -11.58 -8.50
N GLU A 33 -2.92 -11.51 -7.70
CA GLU A 33 -3.88 -10.42 -7.87
C GLU A 33 -3.30 -9.11 -7.38
N ILE A 34 -2.45 -9.15 -6.35
CA ILE A 34 -1.72 -7.94 -5.96
C ILE A 34 -0.80 -7.48 -7.09
N ARG A 35 -0.04 -8.41 -7.66
CA ARG A 35 0.86 -8.06 -8.76
C ARG A 35 0.10 -7.35 -9.88
N LEU A 36 -1.07 -7.86 -10.24
CA LEU A 36 -1.83 -7.30 -11.37
C LEU A 36 -2.23 -5.83 -11.16
N MET A 37 -2.35 -5.37 -9.91
CA MET A 37 -2.64 -3.96 -9.67
C MET A 37 -1.51 -3.04 -10.13
N PHE A 38 -0.27 -3.54 -10.15
CA PHE A 38 0.91 -2.70 -10.33
C PHE A 38 1.52 -2.97 -11.69
N PRO A 39 1.37 -2.06 -12.66
CA PRO A 39 1.79 -2.37 -14.04
C PRO A 39 3.28 -2.51 -14.22
N THR A 40 4.12 -1.95 -13.34
CA THR A 40 5.56 -2.15 -13.49
C THR A 40 6.11 -3.08 -12.41
N ALA A 41 5.29 -4.01 -11.92
CA ALA A 41 5.72 -4.98 -10.93
C ALA A 41 6.04 -6.31 -11.60
N ILE A 42 7.07 -6.97 -11.08
CA ILE A 42 7.34 -8.36 -11.35
C ILE A 42 7.01 -9.12 -10.08
N ARG A 43 6.78 -10.42 -10.21
CA ARG A 43 6.54 -11.29 -9.06
C ARG A 43 7.57 -12.41 -9.06
N LEU A 44 8.22 -12.60 -7.93
CA LEU A 44 9.30 -13.57 -7.79
C LEU A 44 8.84 -14.65 -6.82
N ASN A 45 8.88 -15.90 -7.28
CA ASN A 45 8.56 -16.99 -6.38
C ASN A 45 9.56 -16.99 -5.22
N ARG A 46 9.05 -17.12 -3.99
CA ARG A 46 9.92 -17.01 -2.83
C ARG A 46 10.89 -18.19 -2.73
N GLY A 47 10.46 -19.40 -3.08
CA GLY A 47 11.37 -20.53 -3.05
C GLY A 47 11.96 -20.72 -1.68
N ASN A 48 13.25 -21.05 -1.63
CA ASN A 48 13.98 -21.12 -0.37
C ASN A 48 14.75 -19.83 -0.10
N LEU A 49 14.42 -18.75 -0.80
CA LEU A 49 15.21 -17.54 -0.75
C LEU A 49 15.20 -16.94 0.65
N ILE A 50 16.39 -16.57 1.11
CA ILE A 50 16.58 -15.88 2.37
C ILE A 50 16.38 -14.40 2.11
N LEU A 51 15.61 -13.74 2.98
CA LEU A 51 15.21 -12.36 2.70
C LEU A 51 16.39 -11.40 2.53
N PRO A 52 17.46 -11.46 3.35
CA PRO A 52 18.63 -10.60 3.07
C PRO A 52 19.25 -10.83 1.71
N ASP A 53 19.31 -12.08 1.22
CA ASP A 53 19.78 -12.32 -0.15
C ASP A 53 18.84 -11.72 -1.18
N LEU A 54 17.54 -11.78 -0.91
CA LEU A 54 16.56 -11.20 -1.84
C LEU A 54 16.69 -9.68 -1.89
N VAL A 55 16.73 -9.03 -0.73
CA VAL A 55 16.86 -7.57 -0.66
C VAL A 55 18.13 -7.12 -1.35
N MET A 56 19.25 -7.80 -1.11
CA MET A 56 20.51 -7.38 -1.72
C MET A 56 20.48 -7.51 -3.23
N SER A 57 19.87 -8.57 -3.75
CA SER A 57 19.78 -8.71 -5.20
C SER A 57 18.90 -7.62 -5.80
N ALA A 58 17.78 -7.33 -5.14
CA ALA A 58 16.90 -6.27 -5.62
C ALA A 58 17.60 -4.91 -5.58
N GLN A 59 18.39 -4.68 -4.54
CA GLN A 59 19.21 -3.46 -4.47
C GLN A 59 20.21 -3.42 -5.61
N ARG A 60 20.95 -4.51 -5.81
CA ARG A 60 21.89 -4.61 -6.92
C ARG A 60 21.25 -4.28 -8.26
N GLU A 61 20.05 -4.80 -8.49
CA GLU A 61 19.38 -4.56 -9.78
C GLU A 61 18.65 -3.23 -9.82
N ARG A 62 18.75 -2.41 -8.78
CA ARG A 62 18.15 -1.07 -8.78
C ARG A 62 16.63 -1.13 -8.87
N LEU A 63 16.01 -2.13 -8.25
CA LEU A 63 14.56 -2.06 -8.08
C LEU A 63 14.23 -0.93 -7.12
N SER A 64 13.02 -0.39 -7.22
CA SER A 64 12.68 0.74 -6.37
C SER A 64 11.83 0.38 -5.16
N ASP A 65 11.13 -0.76 -5.18
CA ASP A 65 10.23 -1.09 -4.06
C ASP A 65 10.07 -2.60 -4.01
N ILE A 66 9.89 -3.11 -2.79
CA ILE A 66 9.53 -4.51 -2.57
C ILE A 66 8.22 -4.56 -1.82
N ILE A 67 7.33 -5.44 -2.26
CA ILE A 67 6.07 -5.69 -1.57
C ILE A 67 6.12 -7.15 -1.12
N LEU A 68 6.02 -7.36 0.19
CA LEU A 68 6.12 -8.68 0.80
C LEU A 68 4.80 -9.02 1.49
N LEU A 69 4.25 -10.19 1.17
CA LEU A 69 2.92 -10.61 1.63
C LEU A 69 3.09 -11.75 2.62
N HIS A 70 2.53 -11.57 3.82
CA HIS A 70 2.66 -12.52 4.93
C HIS A 70 1.30 -13.18 5.18
N GLU A 71 1.33 -14.34 5.83
CA GLU A 71 0.09 -15.02 6.17
C GLU A 71 0.23 -15.72 7.51
N HIS A 72 -0.92 -16.19 8.01
CA HIS A 72 -0.97 -17.00 9.23
C HIS A 72 -2.14 -17.97 9.11
N ARG A 73 -1.86 -19.25 9.33
CA ARG A 73 -2.88 -20.30 9.21
C ARG A 73 -3.69 -20.15 7.93
N GLY A 74 -3.00 -19.94 6.81
CA GLY A 74 -3.65 -20.01 5.50
C GLY A 74 -4.36 -18.74 5.05
N THR A 75 -4.30 -17.65 5.82
CA THR A 75 -4.99 -16.40 5.54
C THR A 75 -3.95 -15.29 5.40
N PRO A 76 -4.00 -14.45 4.38
CA PRO A 76 -3.08 -13.31 4.31
C PRO A 76 -3.34 -12.37 5.49
N THR A 77 -2.25 -12.00 6.19
CA THR A 77 -2.38 -11.23 7.42
C THR A 77 -1.61 -9.93 7.43
N ALA A 78 -0.61 -9.74 6.57
CA ALA A 78 0.13 -8.48 6.60
C ALA A 78 0.76 -8.17 5.25
N ILE A 79 1.11 -6.89 5.08
CA ILE A 79 1.81 -6.46 3.88
C ILE A 79 2.95 -5.55 4.31
N THR A 80 4.15 -5.81 3.81
CA THR A 80 5.30 -4.96 4.06
C THR A 80 5.71 -4.31 2.75
N ILE A 81 5.79 -2.98 2.74
CA ILE A 81 6.25 -2.22 1.57
C ILE A 81 7.53 -1.46 1.92
N SER A 82 8.61 -1.70 1.15
CA SER A 82 9.87 -1.03 1.46
C SER A 82 10.43 -0.37 0.21
N HIS A 83 10.77 0.92 0.33
CA HIS A 83 11.25 1.72 -0.79
C HIS A 83 12.77 1.72 -0.79
N PHE A 84 13.37 1.43 -1.97
CA PHE A 84 14.81 1.41 -2.15
C PHE A 84 15.28 2.75 -2.72
N PRO A 85 16.54 3.17 -2.47
CA PRO A 85 17.60 2.41 -1.83
C PRO A 85 17.60 2.40 -0.30
N HIS A 86 17.00 3.40 0.36
CA HIS A 86 17.26 3.55 1.79
C HIS A 86 16.02 3.74 2.65
N GLY A 87 14.84 3.45 2.13
CA GLY A 87 13.62 3.59 2.93
C GLY A 87 12.66 4.57 2.30
N PRO A 88 11.48 4.74 2.89
CA PRO A 88 11.00 4.16 4.16
C PRO A 88 10.41 2.75 4.02
N THR A 89 9.97 2.15 5.13
CA THR A 89 9.31 0.86 5.14
C THR A 89 7.96 0.99 5.85
N LEU A 90 6.89 0.55 5.21
CA LEU A 90 5.55 0.60 5.81
C LEU A 90 5.06 -0.83 6.03
N MET A 91 4.51 -1.11 7.22
CA MET A 91 3.86 -2.38 7.46
C MET A 91 2.40 -2.15 7.82
N ALA A 92 1.52 -2.99 7.28
CA ALA A 92 0.11 -2.91 7.60
C ALA A 92 -0.47 -4.31 7.76
N SER A 93 -1.48 -4.44 8.62
CA SER A 93 -2.20 -5.70 8.72
C SER A 93 -3.30 -5.77 7.67
N LEU A 94 -3.67 -7.00 7.31
CA LEU A 94 -4.62 -7.24 6.22
C LEU A 94 -5.88 -7.88 6.78
N HIS A 95 -7.04 -7.44 6.28
CA HIS A 95 -8.33 -7.94 6.77
C HIS A 95 -9.33 -7.96 5.62
N ASN A 96 -10.37 -8.77 5.80
CA ASN A 96 -11.51 -8.78 4.87
C ASN A 96 -11.03 -9.05 3.44
N VAL A 97 -10.07 -9.98 3.29
CA VAL A 97 -9.51 -10.29 1.97
C VAL A 97 -10.53 -11.06 1.13
N VAL A 98 -10.81 -10.57 -0.07
CA VAL A 98 -11.70 -11.28 -1.01
C VAL A 98 -11.05 -11.34 -2.37
N LEU A 99 -10.84 -12.54 -2.90
CA LEU A 99 -10.22 -12.76 -4.19
C LEU A 99 -11.25 -12.56 -5.31
N ARG A 100 -10.73 -12.32 -6.51
CA ARG A 100 -11.57 -11.98 -7.65
C ARG A 100 -12.69 -12.98 -7.87
N ALA A 101 -12.38 -14.27 -7.80
CA ALA A 101 -13.38 -15.32 -8.04
C ALA A 101 -14.51 -15.31 -7.01
N ASP A 102 -14.31 -14.66 -5.87
CA ASP A 102 -15.33 -14.60 -4.83
C ASP A 102 -16.05 -13.26 -4.77
N ILE A 103 -15.78 -12.38 -5.73
CA ILE A 103 -16.39 -11.06 -5.76
C ILE A 103 -17.59 -11.14 -6.70
N PRO A 104 -18.82 -10.94 -6.21
CA PRO A 104 -19.98 -10.94 -7.12
C PRO A 104 -19.83 -9.83 -8.16
N LYS A 105 -20.00 -10.22 -9.41
CA LYS A 105 -20.00 -9.35 -10.58
C LYS A 105 -18.59 -8.96 -11.00
N SER A 106 -17.58 -9.65 -10.52
CA SER A 106 -16.22 -9.34 -10.94
C SER A 106 -16.09 -9.62 -12.43
N ILE A 107 -15.21 -8.86 -13.08
CA ILE A 107 -15.00 -9.06 -14.51
C ILE A 107 -14.53 -10.48 -14.78
N LYS A 108 -15.01 -11.07 -15.86
CA LYS A 108 -14.33 -12.24 -16.40
C LYS A 108 -13.91 -11.92 -17.82
N GLY A 109 -12.80 -12.52 -18.20
CA GLY A 109 -12.04 -12.09 -19.36
C GLY A 109 -10.74 -11.44 -18.93
N THR A 110 -9.98 -11.03 -19.92
CA THR A 110 -8.67 -10.46 -19.66
C THR A 110 -8.81 -9.01 -19.19
N VAL A 111 -7.90 -8.62 -18.31
CA VAL A 111 -7.83 -7.26 -17.78
C VAL A 111 -6.75 -6.51 -18.55
N SER A 112 -7.10 -5.40 -19.18
CA SER A 112 -6.05 -4.62 -19.83
C SER A 112 -5.14 -3.97 -18.78
N GLU A 113 -3.84 -4.01 -19.01
CA GLU A 113 -2.87 -3.59 -18.00
C GLU A 113 -2.33 -2.19 -18.27
N SER A 114 -3.20 -1.29 -18.69
CA SER A 114 -2.86 0.12 -18.85
C SER A 114 -2.48 0.72 -17.51
N TYR A 115 -1.75 1.82 -17.57
CA TYR A 115 -1.33 2.50 -16.33
C TYR A 115 -2.59 3.04 -15.64
N PRO A 116 -2.88 2.64 -14.41
CA PRO A 116 -4.16 3.04 -13.80
C PRO A 116 -4.11 4.45 -13.24
N HIS A 117 -5.29 5.05 -13.17
CA HIS A 117 -5.51 6.18 -12.29
C HIS A 117 -5.53 5.71 -10.84
N LEU A 118 -5.25 6.63 -9.92
CA LEU A 118 -5.36 6.34 -8.51
C LEU A 118 -6.37 7.29 -7.87
N ILE A 119 -7.09 6.79 -6.87
CA ILE A 119 -8.00 7.60 -6.06
C ILE A 119 -7.60 7.37 -4.62
N PHE A 120 -7.26 8.45 -3.91
CA PHE A 120 -7.01 8.41 -2.46
C PHE A 120 -8.08 9.27 -1.81
N GLU A 121 -8.90 8.68 -0.97
CA GLU A 121 -10.01 9.38 -0.35
C GLU A 121 -9.87 9.32 1.17
N GLY A 122 -9.85 10.49 1.82
CA GLY A 122 -9.95 10.55 3.26
C GLY A 122 -8.66 10.44 4.05
N PHE A 123 -7.55 10.93 3.54
CA PHE A 123 -6.28 10.83 4.25
C PHE A 123 -5.89 12.20 4.82
N ARG A 124 -6.66 12.66 5.81
CA ARG A 124 -6.69 14.07 6.19
C ARG A 124 -5.69 14.46 7.29
N THR A 125 -4.65 13.68 7.50
CA THR A 125 -3.67 13.92 8.55
C THR A 125 -2.29 13.80 7.95
N PRO A 126 -1.26 14.33 8.62
CA PRO A 126 0.11 14.07 8.15
C PRO A 126 0.43 12.59 8.02
N LEU A 127 0.02 11.78 8.99
CA LEU A 127 0.22 10.34 8.85
C LEU A 127 -0.45 9.81 7.57
N GLY A 128 -1.69 10.25 7.32
CA GLY A 128 -2.38 9.81 6.12
C GLY A 128 -1.66 10.24 4.85
N GLN A 129 -1.19 11.49 4.80
CA GLN A 129 -0.47 11.96 3.62
C GLN A 129 0.86 11.23 3.44
N ARG A 130 1.52 10.83 4.53
CA ARG A 130 2.72 10.01 4.40
C ARG A 130 2.39 8.66 3.76
N VAL A 131 1.31 8.01 4.21
CA VAL A 131 0.94 6.71 3.63
C VAL A 131 0.60 6.86 2.15
N VAL A 132 -0.15 7.91 1.79
CA VAL A 132 -0.48 8.16 0.39
C VAL A 132 0.78 8.26 -0.48
N LYS A 133 1.80 8.97 0.03
CA LYS A 133 3.03 9.15 -0.73
C LYS A 133 3.72 7.84 -1.00
N ILE A 134 3.77 6.97 0.01
CA ILE A 134 4.39 5.67 -0.12
C ILE A 134 3.64 4.84 -1.14
N LEU A 135 2.31 4.83 -1.05
CA LEU A 135 1.51 3.98 -1.95
C LEU A 135 1.51 4.52 -3.38
N LYS A 136 1.34 5.83 -3.52
CA LYS A 136 1.22 6.46 -4.82
C LYS A 136 2.42 6.16 -5.70
N HIS A 137 3.61 6.11 -5.10
CA HIS A 137 4.83 6.00 -5.88
C HIS A 137 5.14 4.55 -6.22
N LEU A 138 4.23 3.63 -5.89
CA LEU A 138 4.33 2.25 -6.38
C LEU A 138 3.77 2.11 -7.81
N PHE A 139 3.16 3.15 -8.34
CA PHE A 139 2.53 3.15 -9.66
C PHE A 139 3.26 4.14 -10.55
N PRO A 140 3.42 3.85 -11.84
CA PRO A 140 4.15 4.78 -12.71
C PRO A 140 3.39 6.09 -12.83
N PRO A 141 4.09 7.18 -13.17
CA PRO A 141 3.39 8.43 -13.48
C PRO A 141 2.68 8.33 -14.82
N ARG A 142 1.61 9.11 -14.97
CA ARG A 142 0.86 9.19 -16.21
C ARG A 142 1.08 10.54 -16.88
N ASP A 143 0.93 10.55 -18.20
CA ASP A 143 0.97 11.77 -19.00
C ASP A 143 -0.10 12.76 -18.54
N PRO A 144 0.26 13.99 -18.15
CA PRO A 144 -0.77 14.91 -17.63
C PRO A 144 -1.73 15.42 -18.69
N THR A 145 -1.38 15.35 -19.96
CA THR A 145 -2.17 16.00 -21.01
C THR A 145 -3.35 15.11 -21.37
N ASN A 146 -4.56 15.65 -21.18
CA ASN A 146 -5.81 14.92 -21.39
C ASN A 146 -5.90 13.71 -20.47
N ASN A 147 -5.19 13.78 -19.33
CA ASN A 147 -5.25 12.69 -18.36
C ASN A 147 -6.66 12.52 -17.84
N ALA A 148 -7.32 13.63 -17.52
CA ALA A 148 -8.67 13.58 -16.96
C ALA A 148 -9.66 12.91 -17.89
N LYS A 149 -9.30 12.70 -19.17
CA LYS A 149 -10.18 12.10 -20.14
C LYS A 149 -9.77 10.72 -20.63
N SER A 150 -8.53 10.30 -20.41
CA SER A 150 -8.06 9.02 -20.93
C SER A 150 -7.95 8.01 -19.79
N GLY A 151 -7.58 6.78 -20.15
CA GLY A 151 -7.45 5.69 -19.20
C GLY A 151 -8.69 4.81 -19.15
N ASN A 152 -8.55 3.64 -18.51
CA ASN A 152 -9.68 2.73 -18.37
C ASN A 152 -9.58 1.84 -17.14
N ARG A 153 -8.74 2.18 -16.17
CA ARG A 153 -8.50 1.35 -15.00
C ARG A 153 -8.20 2.30 -13.84
N VAL A 154 -8.60 1.90 -12.63
CA VAL A 154 -8.36 2.75 -11.46
C VAL A 154 -8.19 1.88 -10.22
N ILE A 155 -7.21 2.22 -9.39
CA ILE A 155 -7.07 1.61 -8.07
C ILE A 155 -7.46 2.66 -7.03
N THR A 156 -8.31 2.26 -6.09
CA THR A 156 -8.96 3.17 -5.16
C THR A 156 -8.61 2.80 -3.72
N PHE A 157 -8.19 3.79 -2.93
CA PHE A 157 -7.84 3.63 -1.53
C PHE A 157 -8.72 4.58 -0.72
N VAL A 158 -9.56 4.07 0.18
CA VAL A 158 -10.49 4.89 0.95
C VAL A 158 -10.19 4.72 2.43
N ASN A 159 -9.74 5.79 3.08
CA ASN A 159 -9.32 5.71 4.46
C ASN A 159 -10.46 6.14 5.38
N GLN A 160 -10.81 5.29 6.34
CA GLN A 160 -11.77 5.64 7.37
C GLN A 160 -11.14 5.30 8.71
N ASP A 161 -10.85 6.31 9.52
CA ASP A 161 -10.18 6.16 10.81
C ASP A 161 -8.81 5.56 10.54
N ASP A 162 -8.51 4.35 11.02
N ASP A 162 -8.49 4.36 11.00
CA ASP A 162 -7.20 3.71 10.92
CA ASP A 162 -7.14 3.83 10.80
C ASP A 162 -7.09 2.77 9.72
C ASP A 162 -7.08 2.75 9.73
N CYS A 163 -8.17 2.51 9.00
CA CYS A 163 -8.20 1.44 8.01
C CYS A 163 -8.36 2.00 6.60
N ILE A 164 -7.88 1.25 5.62
CA ILE A 164 -7.92 1.66 4.21
C ILE A 164 -8.60 0.55 3.41
N GLU A 165 -9.73 0.85 2.78
CA GLU A 165 -10.35 -0.09 1.86
C GLU A 165 -9.66 0.02 0.50
N VAL A 166 -9.36 -1.11 -0.14
CA VAL A 166 -8.67 -1.08 -1.43
C VAL A 166 -9.54 -1.77 -2.48
N ARG A 167 -9.66 -1.16 -3.67
CA ARG A 167 -10.44 -1.70 -4.78
C ARG A 167 -9.68 -1.52 -6.10
N HIS A 168 -10.08 -2.28 -7.11
CA HIS A 168 -9.40 -2.32 -8.40
C HIS A 168 -10.49 -2.57 -9.44
N HIS A 169 -10.72 -1.59 -10.32
CA HIS A 169 -11.79 -1.65 -11.31
C HIS A 169 -11.24 -1.30 -12.68
N VAL A 170 -11.83 -1.87 -13.72
CA VAL A 170 -11.75 -1.31 -15.06
C VAL A 170 -13.05 -0.57 -15.34
N TYR A 171 -13.03 0.36 -16.29
CA TYR A 171 -14.25 1.08 -16.57
C TYR A 171 -14.39 1.41 -18.05
N VAL A 172 -15.64 1.66 -18.45
CA VAL A 172 -15.98 2.06 -19.80
C VAL A 172 -16.74 3.39 -19.70
N ARG A 173 -16.24 4.40 -20.39
CA ARG A 173 -16.91 5.70 -20.47
C ARG A 173 -18.02 5.59 -21.51
N THR A 174 -19.25 5.34 -21.07
CA THR A 174 -20.32 5.06 -22.03
C THR A 174 -20.86 6.31 -22.69
N ASN A 175 -20.65 7.47 -22.08
CA ASN A 175 -21.14 8.76 -22.58
C ASN A 175 -20.32 9.81 -21.88
N TYR A 176 -20.49 11.07 -22.30
CA TYR A 176 -19.76 12.16 -21.65
C TYR A 176 -20.05 12.23 -20.15
N ASN A 177 -21.21 11.76 -19.71
CA ASN A 177 -21.59 11.91 -18.31
C ASN A 177 -22.00 10.58 -17.67
N SER A 178 -21.48 9.46 -18.16
CA SER A 178 -21.79 8.17 -17.53
C SER A 178 -20.65 7.17 -17.71
N VAL A 179 -20.47 6.31 -16.71
CA VAL A 179 -19.38 5.33 -16.69
C VAL A 179 -19.91 4.02 -16.10
N GLU A 180 -19.49 2.88 -16.68
CA GLU A 180 -19.73 1.56 -16.11
C GLU A 180 -18.43 0.99 -15.55
N LEU A 181 -18.46 0.55 -14.28
CA LEU A 181 -17.32 -0.09 -13.63
C LEU A 181 -17.43 -1.61 -13.69
N SER A 182 -16.28 -2.28 -13.86
CA SER A 182 -16.19 -3.74 -13.70
C SER A 182 -15.07 -4.04 -12.73
N GLU A 183 -15.41 -4.66 -11.61
CA GLU A 183 -14.45 -4.89 -10.54
C GLU A 183 -13.49 -6.04 -10.88
N VAL A 184 -12.20 -5.79 -10.66
CA VAL A 184 -11.15 -6.77 -10.96
C VAL A 184 -10.76 -7.53 -9.70
N GLY A 185 -10.83 -6.86 -8.55
CA GLY A 185 -10.32 -7.45 -7.31
C GLY A 185 -8.82 -7.28 -7.20
N PRO A 186 -8.22 -7.72 -6.08
CA PRO A 186 -8.94 -8.28 -4.93
C PRO A 186 -9.60 -7.15 -4.16
N ARG A 187 -10.41 -7.50 -3.17
CA ARG A 187 -10.79 -6.55 -2.14
C ARG A 187 -9.97 -6.85 -0.90
N PHE A 188 -9.63 -5.80 -0.15
CA PHE A 188 -9.08 -6.06 1.17
C PHE A 188 -9.06 -4.75 1.93
N THR A 189 -8.89 -4.87 3.25
CA THR A 189 -8.71 -3.77 4.18
C THR A 189 -7.28 -3.84 4.69
N MET A 190 -6.62 -2.69 4.70
CA MET A 190 -5.22 -2.53 5.10
C MET A 190 -5.23 -1.59 6.31
N ARG A 191 -4.55 -1.96 7.39
CA ARG A 191 -4.46 -1.09 8.56
C ARG A 191 -2.99 -0.84 8.87
N PRO A 192 -2.43 0.29 8.45
CA PRO A 192 -1.01 0.56 8.71
C PRO A 192 -0.71 0.56 10.21
N PHE A 193 0.44 0.01 10.59
CA PHE A 193 0.84 0.02 12.00
C PHE A 193 2.30 0.38 12.24
N SER A 194 3.13 0.52 11.21
CA SER A 194 4.52 0.90 11.41
C SER A 194 5.01 1.62 10.16
N ILE A 195 5.71 2.73 10.34
CA ILE A 195 6.47 3.36 9.26
C ILE A 195 7.82 3.67 9.85
N THR A 196 8.86 3.00 9.35
CA THR A 196 10.22 3.27 9.80
C THR A 196 11.01 3.94 8.68
N MET A 197 12.08 4.65 9.06
CA MET A 197 12.75 5.54 8.13
C MET A 197 13.79 4.84 7.26
N GLY A 198 14.14 3.60 7.56
CA GLY A 198 15.10 2.85 6.81
C GLY A 198 14.46 1.77 5.97
N THR A 199 15.26 0.79 5.57
CA THR A 199 14.83 -0.26 4.66
C THR A 199 14.98 -1.64 5.35
N LEU A 200 14.75 -2.72 4.60
CA LEU A 200 15.01 -4.06 5.12
C LEU A 200 16.51 -4.38 5.09
N GLU A 201 16.94 -5.25 5.99
CA GLU A 201 18.35 -5.63 6.01
C GLU A 201 18.65 -6.60 4.87
N ALA B 44 29.07 -5.05 41.10
CA ALA B 44 28.07 -6.07 41.37
C ALA B 44 26.69 -5.46 41.29
N HIS B 45 26.45 -4.49 42.17
CA HIS B 45 25.20 -3.75 42.16
C HIS B 45 25.12 -2.75 41.01
N GLU B 46 26.24 -2.46 40.34
CA GLU B 46 26.22 -1.48 39.26
C GLU B 46 26.11 -2.12 37.87
N ARG B 47 26.36 -3.42 37.75
CA ARG B 47 25.97 -4.11 36.51
C ARG B 47 24.47 -4.35 36.44
N ARG B 48 23.82 -4.57 37.59
CA ARG B 48 22.36 -4.61 37.61
C ARG B 48 21.80 -3.30 37.09
N GLN B 49 22.40 -2.18 37.49
CA GLN B 49 21.90 -0.87 37.09
C GLN B 49 22.04 -0.66 35.59
N ALA B 50 23.06 -1.27 34.98
CA ALA B 50 23.22 -1.20 33.53
C ALA B 50 22.04 -1.86 32.82
N LYS B 51 21.62 -3.03 33.29
CA LYS B 51 20.50 -3.71 32.64
C LYS B 51 19.19 -2.97 32.86
N ILE B 52 18.96 -2.46 34.07
CA ILE B 52 17.75 -1.66 34.31
C ILE B 52 17.68 -0.49 33.34
N ALA B 53 18.80 0.22 33.18
CA ALA B 53 18.81 1.38 32.28
C ALA B 53 18.59 0.96 30.83
N GLU B 54 19.07 -0.22 30.47
CA GLU B 54 18.78 -0.80 29.17
C GLU B 54 17.27 -0.98 28.99
N GLN B 55 16.59 -1.52 29.99
CA GLN B 55 15.14 -1.68 29.89
C GLN B 55 14.44 -0.33 29.77
N ILE B 56 14.86 0.65 30.57
CA ILE B 56 14.27 1.98 30.52
C ILE B 56 14.43 2.59 29.13
N ARG B 57 15.66 2.51 28.58
CA ARG B 57 15.88 3.05 27.23
C ARG B 57 14.99 2.38 26.19
N LYS B 58 14.82 1.06 26.29
CA LYS B 58 13.98 0.37 25.33
C LYS B 58 12.51 0.78 25.48
N LEU B 59 12.05 0.97 26.71
CA LEU B 59 10.68 1.39 26.89
C LEU B 59 10.46 2.81 26.39
N GLU B 60 11.45 3.69 26.61
CA GLU B 60 11.36 5.07 26.11
C GLU B 60 11.30 5.09 24.58
N ALA B 61 12.10 4.24 23.94
CA ALA B 61 12.09 4.20 22.46
C ALA B 61 10.73 3.79 21.91
N GLU B 62 10.12 2.74 22.50
CA GLU B 62 8.75 2.39 22.15
C GLU B 62 7.79 3.56 22.36
N LEU B 63 7.87 4.20 23.53
CA LEU B 63 6.94 5.29 23.82
C LEU B 63 7.07 6.41 22.79
N VAL B 64 8.30 6.78 22.46
CA VAL B 64 8.53 7.87 21.52
C VAL B 64 7.99 7.53 20.13
N ALA B 65 8.15 6.28 19.71
CA ALA B 65 7.62 5.88 18.40
C ALA B 65 6.09 5.88 18.39
N LYS B 66 5.46 5.54 19.52
CA LYS B 66 4.01 5.62 19.61
C LYS B 66 3.50 7.05 19.66
N ARG B 67 4.19 7.93 20.40
CA ARG B 67 3.78 9.34 20.42
C ARG B 67 3.90 9.97 19.03
N ALA B 68 4.92 9.59 18.26
CA ALA B 68 5.07 10.11 16.91
C ALA B 68 3.88 9.71 16.05
N TRP B 69 3.46 8.44 16.15
CA TRP B 69 2.26 7.98 15.43
C TRP B 69 1.04 8.77 15.84
N THR B 70 0.82 8.91 17.15
CA THR B 70 -0.36 9.63 17.64
C THR B 70 -0.36 11.07 17.16
N LEU B 71 0.80 11.74 17.20
CA LEU B 71 0.85 13.15 16.83
C LEU B 71 0.61 13.33 15.34
N ALA B 72 1.24 12.50 14.51
CA ALA B 72 1.04 12.61 13.07
C ALA B 72 -0.40 12.29 12.66
N GLY B 73 -1.16 11.60 13.49
CA GLY B 73 -2.52 11.27 13.10
C GLY B 73 -3.59 12.23 13.61
N GLU B 74 -3.22 13.49 13.88
CA GLU B 74 -4.15 14.46 14.47
C GLU B 74 -4.63 15.52 13.48
N ALA B 75 -3.70 16.16 12.75
CA ALA B 75 -3.98 17.32 11.90
C ALA B 75 -4.39 18.54 12.72
N SER B 84 8.47 17.64 9.36
CA SER B 84 8.53 17.92 10.79
C SER B 84 7.96 16.75 11.59
N LEU B 85 6.68 16.46 11.36
CA LEU B 85 6.02 15.36 12.07
C LEU B 85 6.24 14.00 11.41
N LEU B 86 7.01 13.92 10.31
CA LEU B 86 7.16 12.66 9.59
C LEU B 86 8.62 12.21 9.48
N GLY B 87 9.49 12.65 10.41
CA GLY B 87 10.91 12.35 10.28
C GLY B 87 11.45 11.17 11.06
N GLU B 88 10.67 10.57 11.96
CA GLU B 88 11.18 9.49 12.80
C GLU B 88 10.29 8.25 12.70
N ASP B 89 10.85 7.11 13.09
CA ASP B 89 10.09 5.86 13.17
C ASP B 89 8.83 6.06 13.98
N MET B 90 7.74 5.41 13.56
CA MET B 90 6.44 5.52 14.22
C MET B 90 5.78 4.15 14.18
N GLU B 91 5.08 3.82 15.25
CA GLU B 91 4.37 2.56 15.30
C GLU B 91 3.11 2.75 16.15
N PHE B 92 2.15 1.86 15.96
CA PHE B 92 1.04 1.77 16.87
C PHE B 92 0.64 0.31 17.03
N ASP B 93 0.27 -0.06 18.26
CA ASP B 93 -0.25 -1.39 18.57
C ASP B 93 -1.77 -1.27 18.69
N HIS B 94 -2.47 -1.69 17.64
CA HIS B 94 -3.93 -1.57 17.60
C HIS B 94 -4.64 -2.66 18.42
N VAL B 95 -3.91 -3.37 19.29
CA VAL B 95 -4.31 -4.65 19.87
C VAL B 95 -5.79 -4.74 20.23
N GLY B 96 -6.31 -3.73 20.94
CA GLY B 96 -7.67 -3.81 21.45
C GLY B 96 -8.77 -3.41 20.48
N LYS B 97 -8.48 -3.41 19.19
CA LYS B 97 -9.47 -3.05 18.18
C LYS B 97 -9.63 -4.20 17.19
N PRO B 98 -10.83 -4.72 17.01
CA PRO B 98 -11.10 -5.55 15.82
C PRO B 98 -11.36 -4.66 14.62
N VAL B 99 -11.29 -5.27 13.45
CA VAL B 99 -11.55 -4.56 12.20
C VAL B 99 -12.91 -5.02 11.69
N PRO B 100 -13.87 -4.13 11.51
CA PRO B 100 -15.22 -4.57 11.13
C PRO B 100 -15.25 -5.11 9.71
N VAL B 101 -16.16 -6.04 9.49
CA VAL B 101 -16.49 -6.45 8.12
C VAL B 101 -16.96 -5.22 7.33
N VAL B 102 -16.78 -5.25 6.02
CA VAL B 102 -17.20 -4.16 5.14
C VAL B 102 -18.59 -4.49 4.60
N THR B 103 -19.57 -3.69 5.00
CA THR B 103 -20.94 -3.93 4.57
C THR B 103 -21.10 -3.67 3.07
N GLU B 104 -22.12 -4.29 2.49
CA GLU B 104 -22.42 -4.06 1.08
C GLU B 104 -22.73 -2.59 0.81
N GLU B 105 -23.29 -1.89 1.81
CA GLU B 105 -23.57 -0.48 1.64
C GLU B 105 -22.29 0.32 1.41
N VAL B 106 -21.23 -0.02 2.14
CA VAL B 106 -19.98 0.71 2.06
C VAL B 106 -19.29 0.47 0.71
N SER B 107 -19.28 -0.78 0.24
CA SER B 107 -18.70 -1.05 -1.08
C SER B 107 -19.48 -0.36 -2.18
N GLU B 108 -20.78 -0.19 -2.01
CA GLU B 108 -21.59 0.49 -3.01
C GLU B 108 -21.29 1.99 -3.05
N SER B 109 -21.08 2.60 -1.87
CA SER B 109 -20.73 4.01 -1.86
C SER B 109 -19.32 4.24 -2.40
N ILE B 110 -18.43 3.25 -2.24
CA ILE B 110 -17.11 3.35 -2.87
C ILE B 110 -17.24 3.40 -4.38
N GLU B 111 -18.15 2.58 -4.92
CA GLU B 111 -18.40 2.64 -6.36
C GLU B 111 -18.90 4.02 -6.78
N GLU B 112 -19.79 4.62 -6.01
CA GLU B 112 -20.28 5.96 -6.36
C GLU B 112 -19.16 6.99 -6.27
N LEU B 113 -18.27 6.84 -5.29
CA LEU B 113 -17.11 7.72 -5.21
C LEU B 113 -16.27 7.62 -6.49
N ILE B 114 -16.04 6.39 -6.95
CA ILE B 114 -15.16 6.18 -8.10
C ILE B 114 -15.77 6.81 -9.36
N LYS B 115 -17.08 6.64 -9.56
CA LYS B 115 -17.74 7.22 -10.73
C LYS B 115 -17.69 8.74 -10.68
N ARG B 116 -17.93 9.31 -9.49
CA ARG B 116 -17.79 10.76 -9.27
C ARG B 116 -16.42 11.26 -9.74
N ARG B 117 -15.35 10.64 -9.23
CA ARG B 117 -13.99 11.05 -9.56
C ARG B 117 -13.71 10.94 -11.06
N ILE B 118 -14.16 9.84 -11.69
CA ILE B 118 -13.90 9.66 -13.12
C ILE B 118 -14.57 10.76 -13.92
N LEU B 119 -15.85 11.01 -13.64
CA LEU B 119 -16.62 11.97 -14.43
C LEU B 119 -16.16 13.41 -14.19
N ALA B 120 -15.62 13.70 -13.00
CA ALA B 120 -15.07 15.02 -12.71
C ALA B 120 -13.59 15.13 -13.05
N GLY B 121 -12.96 14.05 -13.48
CA GLY B 121 -11.55 14.11 -13.84
C GLY B 121 -10.62 14.33 -12.67
N GLU B 122 -10.99 13.87 -11.48
CA GLU B 122 -10.26 14.17 -10.25
C GLU B 122 -9.44 12.94 -9.84
N PHE B 123 -8.19 12.87 -10.28
CA PHE B 123 -7.34 11.70 -10.11
C PHE B 123 -6.09 12.07 -9.33
N ASP B 124 -5.53 11.10 -8.61
CA ASP B 124 -4.48 11.39 -7.64
C ASP B 124 -3.11 10.80 -7.96
N GLU B 125 -2.95 10.11 -9.10
CA GLU B 125 -1.65 9.51 -9.40
C GLU B 125 -0.59 10.59 -9.62
N VAL B 126 0.69 10.18 -9.62
CA VAL B 126 1.75 11.12 -10.01
C VAL B 126 1.63 11.41 -11.51
N LEU B 127 1.93 12.65 -11.89
CA LEU B 127 1.97 13.04 -13.29
C LEU B 127 3.41 13.22 -13.76
N ARG B 128 3.67 12.88 -15.03
CA ARG B 128 5.00 13.02 -15.60
C ARG B 128 5.46 14.48 -15.63
N ARG B 129 6.78 14.66 -15.54
CA ARG B 129 7.39 15.97 -15.74
C ARG B 129 8.74 15.80 -16.43
N ARG B 130 9.36 16.95 -16.82
CA ARG B 130 10.72 17.01 -17.38
C ARG B 130 11.73 17.25 -16.26
N PRO B 131 12.87 16.55 -16.25
CA PRO B 131 13.89 16.73 -15.21
C PRO B 131 14.54 18.12 -15.27
#